data_2VDJ
#
_entry.id   2VDJ
#
_cell.length_a   96.390
_cell.length_b   96.390
_cell.length_c   75.580
_cell.angle_alpha   90.00
_cell.angle_beta   90.00
_cell.angle_gamma   90.00
#
_symmetry.space_group_name_H-M   'P 41 2 2'
#
loop_
_entity.id
_entity.type
_entity.pdbx_description
1 polymer 'HOMOSERINE O-SUCCINYLTRANSFERASE'
2 non-polymer 'SULFATE ION'
3 non-polymer L-HOMOSERINE
4 water water
#
_entity_poly.entity_id   1
_entity_poly.type   'polypeptide(L)'
_entity_poly.pdbx_seq_one_letter_code
;MPIIIDKDLPARKVLQEENIFVMTKERAETQDIRALKIAILNLMPTKQETEAQLLRLIGNTPLQLDVHLLHMESHLSRNV
AQEHLTSFYKTFRDIENEKFDGLIITGAPVETLSFEEVDYWEELKRIMEYSKTNVTSTLHICWGAQAGLYHHYGVQKYPL
KEKMFGVFEHEVREQHVKLLQGFDELFFAVHSRHTEVRESDIREVKELTLLANSEEAGVHLVIGQEGRQVFALGHSEYSC
DTLKQEYERDRDKGLNIDVPKNYFKHDNPNEKPLVRWRSHGNLLFSNWLNYYVYQETPYVL
;
_entity_poly.pdbx_strand_id   A
#
# COMPACT_ATOMS: atom_id res chain seq x y z
N GLU A 17 9.96 -53.70 3.59
CA GLU A 17 10.88 -53.06 2.60
C GLU A 17 12.21 -52.65 3.22
N GLU A 18 13.30 -53.00 2.55
CA GLU A 18 14.65 -52.69 3.01
C GLU A 18 14.97 -51.19 2.97
N ASN A 19 14.51 -50.52 1.92
CA ASN A 19 14.72 -49.08 1.77
C ASN A 19 13.43 -48.27 1.69
N ILE A 20 13.13 -47.59 2.79
CA ILE A 20 11.90 -46.79 2.89
C ILE A 20 12.21 -45.34 2.56
N PHE A 21 11.57 -44.85 1.50
CA PHE A 21 11.77 -43.48 1.00
C PHE A 21 11.26 -42.44 1.99
N VAL A 22 11.94 -41.31 2.05
CA VAL A 22 11.45 -40.16 2.79
C VAL A 22 11.00 -39.10 1.79
N MET A 23 10.06 -38.27 2.20
CA MET A 23 9.62 -37.18 1.34
C MET A 23 10.34 -35.92 1.73
N THR A 24 11.00 -35.30 0.75
CA THR A 24 11.86 -34.17 0.98
C THR A 24 11.28 -32.93 0.33
N LYS A 25 10.96 -31.94 1.16
CA LYS A 25 10.61 -30.61 0.72
C LYS A 25 11.92 -29.88 0.50
N GLU A 26 12.28 -29.70 -0.76
CA GLU A 26 13.59 -29.19 -1.14
C GLU A 26 13.91 -27.81 -0.55
N ARG A 27 15.19 -27.59 -0.28
CA ARG A 27 15.67 -26.31 0.22
C ARG A 27 15.36 -25.20 -0.79
N ALA A 28 14.71 -24.14 -0.32
CA ALA A 28 14.41 -22.98 -1.15
C ALA A 28 15.67 -22.14 -1.31
N GLU A 29 16.38 -22.37 -2.42
CA GLU A 29 17.66 -21.72 -2.66
C GLU A 29 17.53 -20.34 -3.32
N THR A 30 17.65 -19.31 -2.51
CA THR A 30 17.50 -17.92 -2.95
C THR A 30 18.77 -17.10 -2.75
N GLN A 31 19.86 -17.78 -2.38
CA GLN A 31 21.14 -17.11 -2.09
C GLN A 31 21.84 -16.55 -3.33
N ASP A 32 21.61 -17.18 -4.48
CA ASP A 32 22.23 -16.74 -5.73
C ASP A 32 21.34 -15.80 -6.55
N ILE A 33 20.17 -15.47 -6.00
CA ILE A 33 19.28 -14.47 -6.60
C ILE A 33 19.82 -13.06 -6.31
N ARG A 34 19.89 -12.26 -7.36
CA ARG A 34 20.32 -10.86 -7.28
C ARG A 34 19.47 -10.05 -6.28
N ALA A 35 20.13 -9.15 -5.56
CA ALA A 35 19.45 -8.22 -4.66
C ALA A 35 18.53 -7.29 -5.44
N LEU A 36 17.30 -7.14 -4.95
CA LEU A 36 16.30 -6.31 -5.60
C LEU A 36 16.47 -4.84 -5.23
N LYS A 37 16.31 -3.97 -6.22
CA LYS A 37 16.35 -2.51 -6.02
C LYS A 37 14.95 -1.98 -5.77
N ILE A 38 14.73 -1.46 -4.58
CA ILE A 38 13.44 -0.88 -4.19
C ILE A 38 13.62 0.60 -3.89
N ALA A 39 12.70 1.43 -4.37
CA ALA A 39 12.68 2.82 -3.96
C ALA A 39 11.40 3.13 -3.19
N ILE A 40 11.54 3.94 -2.15
CA ILE A 40 10.38 4.41 -1.40
C ILE A 40 10.22 5.91 -1.58
N LEU A 41 9.11 6.32 -2.17
CA LEU A 41 8.80 7.74 -2.27
C LEU A 41 7.94 8.13 -1.07
N ASN A 42 8.56 8.77 -0.10
CA ASN A 42 7.89 9.11 1.16
C ASN A 42 7.24 10.50 1.09
N LEU A 43 5.91 10.50 1.07
CA LEU A 43 5.11 11.73 1.00
C LEU A 43 4.37 12.01 2.32
N MET A 44 4.46 11.09 3.28
CA MET A 44 3.71 11.19 4.54
C MET A 44 4.25 12.26 5.49
N PRO A 45 3.34 12.82 6.29
CA PRO A 45 3.68 13.80 7.33
C PRO A 45 4.54 13.17 8.44
N THR A 46 4.12 11.99 8.90
CA THR A 46 4.90 11.21 9.85
C THR A 46 5.99 10.45 9.08
N LYS A 47 7.01 11.19 8.64
CA LYS A 47 8.08 10.63 7.79
C LYS A 47 8.78 9.44 8.45
N GLN A 48 9.18 9.61 9.71
CA GLN A 48 9.84 8.54 10.47
C GLN A 48 8.97 7.29 10.62
N GLU A 49 7.75 7.48 11.14
CA GLU A 49 6.84 6.37 11.41
C GLU A 49 6.51 5.59 10.15
N THR A 50 6.22 6.31 9.06
CA THR A 50 5.88 5.71 7.77
C THR A 50 7.05 4.88 7.22
N GLU A 51 8.24 5.46 7.24
CA GLU A 51 9.45 4.76 6.80
C GLU A 51 9.70 3.47 7.61
N ALA A 52 9.60 3.59 8.94
CA ALA A 52 9.79 2.46 9.84
C ALA A 52 8.78 1.35 9.55
N GLN A 53 7.51 1.73 9.43
CA GLN A 53 6.44 0.78 9.11
C GLN A 53 6.77 0.03 7.82
N LEU A 54 7.16 0.76 6.78
CA LEU A 54 7.45 0.17 5.47
C LEU A 54 8.70 -0.71 5.45
N LEU A 55 9.75 -0.31 6.16
CA LEU A 55 10.98 -1.10 6.25
C LEU A 55 10.75 -2.45 6.92
N ARG A 56 9.98 -2.47 8.01
CA ARG A 56 9.61 -3.72 8.68
C ARG A 56 8.78 -4.66 7.78
N LEU A 57 7.84 -4.09 7.03
CA LEU A 57 6.99 -4.89 6.13
C LEU A 57 7.75 -5.44 4.93
N ILE A 58 8.70 -4.65 4.45
CA ILE A 58 9.61 -5.02 3.36
C ILE A 58 10.60 -6.12 3.82
N GLY A 59 10.81 -6.23 5.12
CA GLY A 59 11.61 -7.30 5.71
C GLY A 59 11.05 -8.70 5.49
N ASN A 60 9.76 -8.78 5.18
CA ASN A 60 9.07 -10.06 4.94
C ASN A 60 9.45 -10.73 3.60
N THR A 61 10.73 -11.03 3.44
CA THR A 61 11.23 -11.74 2.25
C THR A 61 12.61 -12.33 2.54
N PRO A 62 12.89 -13.55 2.02
CA PRO A 62 14.23 -14.10 2.17
C PRO A 62 15.25 -13.42 1.25
N LEU A 63 14.77 -12.73 0.22
CA LEU A 63 15.62 -12.06 -0.75
C LEU A 63 16.30 -10.84 -0.15
N GLN A 64 17.46 -10.48 -0.67
CA GLN A 64 18.13 -9.26 -0.26
C GLN A 64 17.54 -8.05 -0.98
N LEU A 65 17.41 -6.95 -0.24
CA LEU A 65 16.81 -5.73 -0.76
C LEU A 65 17.73 -4.54 -0.59
N ASP A 66 17.90 -3.79 -1.66
CA ASP A 66 18.59 -2.50 -1.61
C ASP A 66 17.52 -1.42 -1.68
N VAL A 67 17.33 -0.73 -0.57
CA VAL A 67 16.22 0.22 -0.45
C VAL A 67 16.71 1.66 -0.55
N HIS A 68 16.24 2.35 -1.59
CA HIS A 68 16.58 3.75 -1.84
C HIS A 68 15.43 4.64 -1.40
N LEU A 69 15.73 5.62 -0.56
CA LEU A 69 14.70 6.52 -0.05
C LEU A 69 14.62 7.78 -0.91
N LEU A 70 13.39 8.13 -1.30
CA LEU A 70 13.14 9.32 -2.09
C LEU A 70 12.14 10.25 -1.42
N HIS A 71 12.21 11.51 -1.80
CA HIS A 71 11.22 12.52 -1.41
C HIS A 71 11.16 13.61 -2.50
N MET A 72 10.14 14.46 -2.44
CA MET A 72 9.93 15.47 -3.49
C MET A 72 10.96 16.59 -3.43
N GLU A 73 11.36 17.08 -4.60
CA GLU A 73 12.34 18.16 -4.71
C GLU A 73 11.70 19.53 -4.40
N SER A 74 10.86 19.55 -3.37
CA SER A 74 10.16 20.76 -2.94
C SER A 74 10.09 20.83 -1.42
N SER A 87 21.54 12.06 5.57
CA SER A 87 21.32 12.43 4.17
C SER A 87 21.06 11.20 3.31
N PHE A 88 20.02 10.45 3.67
CA PHE A 88 19.67 9.20 3.01
C PHE A 88 18.67 9.39 1.87
N TYR A 89 17.99 10.54 1.87
CA TYR A 89 16.93 10.81 0.91
C TYR A 89 17.44 11.43 -0.39
N LYS A 90 17.05 10.83 -1.51
CA LYS A 90 17.36 11.31 -2.85
C LYS A 90 16.11 11.90 -3.49
N THR A 91 16.29 12.50 -4.68
CA THR A 91 15.15 12.95 -5.48
C THR A 91 15.09 12.20 -6.81
N PHE A 92 14.04 12.46 -7.58
CA PHE A 92 13.82 11.80 -8.86
C PHE A 92 14.97 12.02 -9.87
N ARG A 93 15.53 13.22 -9.89
CA ARG A 93 16.65 13.55 -10.78
C ARG A 93 17.89 12.68 -10.57
N ASP A 94 18.01 12.11 -9.37
CA ASP A 94 19.13 11.22 -9.05
C ASP A 94 18.94 9.82 -9.63
N ILE A 95 17.69 9.43 -9.88
CA ILE A 95 17.36 8.07 -10.28
C ILE A 95 16.71 7.94 -11.67
N GLU A 96 16.48 9.09 -12.31
CA GLU A 96 15.75 9.15 -13.58
C GLU A 96 16.37 8.31 -14.71
N ASN A 97 17.67 8.05 -14.61
CA ASN A 97 18.40 7.26 -15.59
C ASN A 97 18.70 5.84 -15.11
N GLU A 98 18.04 5.43 -14.03
CA GLU A 98 18.18 4.09 -13.45
C GLU A 98 16.88 3.33 -13.56
N LYS A 99 16.96 2.01 -13.38
CA LYS A 99 15.78 1.16 -13.27
C LYS A 99 15.66 0.58 -11.87
N PHE A 100 14.43 0.31 -11.45
CA PHE A 100 14.16 -0.32 -10.16
C PHE A 100 13.26 -1.53 -10.36
N ASP A 101 13.34 -2.47 -9.41
CA ASP A 101 12.45 -3.62 -9.38
C ASP A 101 11.12 -3.24 -8.75
N GLY A 102 11.21 -2.42 -7.70
CA GLY A 102 10.02 -1.96 -6.99
C GLY A 102 10.08 -0.50 -6.62
N LEU A 103 8.90 0.11 -6.55
CA LEU A 103 8.74 1.45 -6.01
C LEU A 103 7.49 1.49 -5.15
N ILE A 104 7.59 2.13 -4.00
CA ILE A 104 6.43 2.40 -3.15
C ILE A 104 6.18 3.90 -3.12
N ILE A 105 4.98 4.30 -3.51
CA ILE A 105 4.53 5.68 -3.34
C ILE A 105 3.54 5.69 -2.18
N THR A 106 3.91 6.38 -1.10
CA THR A 106 3.10 6.41 0.13
C THR A 106 1.87 7.30 -0.02
N GLY A 107 1.09 7.38 1.07
CA GLY A 107 0.01 8.35 1.16
C GLY A 107 0.54 9.75 1.43
N ALA A 108 -0.35 10.72 1.41
CA ALA A 108 0.03 12.12 1.59
C ALA A 108 -1.13 12.92 2.18
N PRO A 109 -0.84 14.00 2.91
CA PRO A 109 -1.90 14.77 3.59
C PRO A 109 -2.62 15.80 2.69
N VAL A 110 -2.87 15.46 1.43
CA VAL A 110 -3.33 16.42 0.42
C VAL A 110 -4.64 16.05 -0.28
N GLU A 111 -5.35 15.07 0.25
CA GLU A 111 -6.51 14.46 -0.43
C GLU A 111 -7.70 15.37 -0.78
N THR A 112 -7.88 16.48 -0.05
CA THR A 112 -9.04 17.35 -0.29
C THR A 112 -8.82 18.22 -1.54
N LEU A 113 -7.55 18.39 -1.91
CA LEU A 113 -7.18 19.19 -3.08
C LEU A 113 -7.40 18.41 -4.36
N SER A 114 -7.79 19.11 -5.43
CA SER A 114 -7.73 18.55 -6.78
C SER A 114 -6.27 18.15 -7.04
N PHE A 115 -6.05 17.04 -7.73
CA PHE A 115 -4.70 16.53 -7.95
C PHE A 115 -3.75 17.60 -8.48
N GLU A 116 -4.23 18.40 -9.43
CA GLU A 116 -3.41 19.41 -10.09
C GLU A 116 -3.06 20.59 -9.19
N GLU A 117 -3.80 20.74 -8.09
CA GLU A 117 -3.52 21.79 -7.11
C GLU A 117 -2.37 21.43 -6.15
N VAL A 118 -2.13 20.13 -5.97
CA VAL A 118 -1.02 19.67 -5.14
C VAL A 118 0.30 20.25 -5.68
N ASP A 119 1.11 20.83 -4.79
CA ASP A 119 2.30 21.60 -5.17
C ASP A 119 3.29 20.83 -6.02
N TYR A 120 3.45 19.54 -5.74
CA TYR A 120 4.43 18.72 -6.44
C TYR A 120 3.84 17.80 -7.51
N TRP A 121 2.63 18.13 -7.97
CA TRP A 121 1.91 17.27 -8.91
C TRP A 121 2.67 17.00 -10.22
N GLU A 122 3.30 18.04 -10.77
CA GLU A 122 4.03 17.87 -12.03
C GLU A 122 5.22 16.93 -11.88
N GLU A 123 5.93 17.05 -10.75
CA GLU A 123 7.06 16.19 -10.44
C GLU A 123 6.62 14.74 -10.20
N LEU A 124 5.51 14.56 -9.49
CA LEU A 124 4.95 13.24 -9.25
C LEU A 124 4.53 12.56 -10.56
N LYS A 125 3.92 13.33 -11.45
CA LYS A 125 3.58 12.85 -12.80
C LYS A 125 4.81 12.31 -13.52
N ARG A 126 5.93 13.03 -13.43
CA ARG A 126 7.19 12.59 -13.99
C ARG A 126 7.63 11.23 -13.42
N ILE A 127 7.55 11.10 -12.09
CA ILE A 127 7.86 9.84 -11.40
C ILE A 127 6.89 8.72 -11.82
N MET A 128 5.60 9.02 -11.90
CA MET A 128 4.62 8.01 -12.28
C MET A 128 4.78 7.55 -13.73
N GLU A 129 5.10 8.50 -14.62
CA GLU A 129 5.42 8.16 -16.01
C GLU A 129 6.68 7.29 -16.09
N TYR A 130 7.72 7.71 -15.37
CA TYR A 130 8.95 6.95 -15.23
C TYR A 130 8.70 5.50 -14.75
N SER A 131 7.82 5.34 -13.76
CA SER A 131 7.49 4.01 -13.20
C SER A 131 6.96 3.01 -14.24
N LYS A 132 6.23 3.51 -15.23
CA LYS A 132 5.71 2.70 -16.34
C LYS A 132 6.79 1.91 -17.07
N THR A 133 7.92 2.55 -17.32
CA THR A 133 8.98 1.96 -18.13
C THR A 133 10.19 1.50 -17.32
N ASN A 134 10.42 2.16 -16.18
CA ASN A 134 11.64 1.90 -15.40
C ASN A 134 11.47 1.13 -14.10
N VAL A 135 10.23 0.79 -13.76
CA VAL A 135 9.94 0.06 -12.51
C VAL A 135 9.07 -1.15 -12.82
N THR A 136 9.55 -2.34 -12.44
CA THR A 136 8.81 -3.58 -12.66
C THR A 136 7.43 -3.51 -12.00
N SER A 137 7.40 -3.14 -10.72
CA SER A 137 6.15 -3.04 -9.98
C SER A 137 6.15 -1.87 -9.00
N THR A 138 5.13 -1.03 -9.11
CA THR A 138 4.96 0.11 -8.21
C THR A 138 3.75 -0.12 -7.33
N LEU A 139 3.97 -0.08 -6.01
CA LEU A 139 2.90 -0.17 -5.01
C LEU A 139 2.52 1.24 -4.57
N HIS A 140 1.23 1.54 -4.62
CA HIS A 140 0.74 2.88 -4.29
C HIS A 140 -0.17 2.75 -3.07
N ILE A 141 0.00 3.64 -2.09
CA ILE A 141 -0.76 3.56 -0.85
C ILE A 141 -1.64 4.79 -0.65
N CYS A 142 -2.92 4.56 -0.33
CA CYS A 142 -3.92 5.60 -0.06
C CYS A 142 -3.94 6.72 -1.12
N TRP A 143 -3.56 7.95 -0.76
CA TRP A 143 -3.58 9.03 -1.74
C TRP A 143 -2.65 8.75 -2.93
N GLY A 144 -1.50 8.13 -2.66
CA GLY A 144 -0.58 7.71 -3.72
C GLY A 144 -1.29 6.81 -4.72
N ALA A 145 -2.16 5.95 -4.21
CA ALA A 145 -2.98 5.06 -5.02
C ALA A 145 -4.04 5.83 -5.79
N GLN A 146 -4.66 6.82 -5.13
CA GLN A 146 -5.60 7.71 -5.80
C GLN A 146 -4.91 8.49 -6.92
N ALA A 147 -3.70 8.99 -6.65
CA ALA A 147 -2.93 9.74 -7.63
C ALA A 147 -2.59 8.87 -8.84
N GLY A 148 -2.14 7.63 -8.58
CA GLY A 148 -1.80 6.66 -9.61
C GLY A 148 -3.00 6.25 -10.44
N LEU A 149 -4.12 5.99 -9.77
CA LEU A 149 -5.36 5.64 -10.46
C LEU A 149 -5.83 6.78 -11.36
N TYR A 150 -5.69 8.01 -10.88
CA TYR A 150 -6.07 9.19 -11.64
C TYR A 150 -5.15 9.46 -12.83
N HIS A 151 -3.84 9.46 -12.58
CA HIS A 151 -2.89 9.74 -13.63
C HIS A 151 -2.87 8.66 -14.72
N HIS A 152 -2.70 7.41 -14.33
CA HIS A 152 -2.61 6.31 -15.30
C HIS A 152 -3.95 5.98 -15.96
N TYR A 153 -5.02 5.98 -15.17
CA TYR A 153 -6.30 5.41 -15.62
C TYR A 153 -7.50 6.35 -15.62
N GLY A 154 -7.28 7.62 -15.26
CA GLY A 154 -8.36 8.62 -15.26
C GLY A 154 -9.42 8.44 -14.19
N VAL A 155 -9.15 7.59 -13.19
CA VAL A 155 -10.09 7.34 -12.11
C VAL A 155 -10.12 8.54 -11.16
N GLN A 156 -11.30 9.14 -11.01
CA GLN A 156 -11.47 10.32 -10.15
C GLN A 156 -11.63 9.93 -8.69
N LYS A 157 -11.35 10.88 -7.80
CA LYS A 157 -11.62 10.70 -6.38
C LYS A 157 -12.72 11.65 -5.94
N TYR A 158 -13.42 11.28 -4.88
CA TYR A 158 -14.61 12.00 -4.45
C TYR A 158 -14.61 12.18 -2.96
N PRO A 159 -15.12 13.33 -2.47
CA PRO A 159 -15.16 13.58 -1.03
C PRO A 159 -16.15 12.67 -0.31
N LEU A 160 -15.84 12.37 0.95
CA LEU A 160 -16.79 11.69 1.84
C LEU A 160 -17.37 12.68 2.85
N LYS A 161 -18.61 12.43 3.29
CA LYS A 161 -19.28 13.26 4.30
C LYS A 161 -18.63 13.18 5.69
N GLU A 162 -17.97 12.06 5.98
CA GLU A 162 -17.23 11.88 7.22
C GLU A 162 -16.06 10.96 6.92
N LYS A 163 -15.04 10.98 7.77
CA LYS A 163 -13.86 10.16 7.54
C LYS A 163 -14.19 8.66 7.57
N MET A 164 -13.72 7.95 6.54
CA MET A 164 -13.66 6.49 6.57
C MET A 164 -12.44 6.14 7.42
N PHE A 165 -12.70 5.59 8.60
CA PHE A 165 -11.75 5.65 9.69
C PHE A 165 -11.98 4.48 10.65
N GLY A 166 -11.07 3.50 10.59
CA GLY A 166 -11.16 2.29 11.39
C GLY A 166 -10.57 1.08 10.68
N VAL A 167 -10.92 -0.10 11.19
CA VAL A 167 -10.47 -1.37 10.63
C VAL A 167 -11.71 -2.09 10.07
N PHE A 168 -11.62 -2.52 8.82
CA PHE A 168 -12.82 -2.99 8.14
C PHE A 168 -12.62 -4.36 7.51
N GLU A 169 -13.71 -5.12 7.42
CA GLU A 169 -13.67 -6.44 6.81
C GLU A 169 -13.66 -6.31 5.29
N HIS A 170 -12.79 -7.08 4.65
CA HIS A 170 -12.69 -7.12 3.20
C HIS A 170 -12.86 -8.54 2.70
N GLU A 171 -13.31 -8.68 1.47
CA GLU A 171 -13.45 -9.98 0.85
C GLU A 171 -12.55 -10.06 -0.37
N VAL A 172 -11.91 -11.22 -0.55
CA VAL A 172 -11.11 -11.50 -1.75
C VAL A 172 -12.06 -11.57 -2.96
N ARG A 173 -11.71 -10.83 -4.02
CA ARG A 173 -12.56 -10.75 -5.21
C ARG A 173 -12.04 -11.55 -6.41
N GLU A 174 -10.79 -11.99 -6.34
CA GLU A 174 -10.23 -12.82 -7.41
C GLU A 174 -9.55 -14.04 -6.84
N GLN A 175 -9.79 -15.18 -7.49
CA GLN A 175 -9.07 -16.40 -7.17
C GLN A 175 -7.82 -16.48 -8.04
N HIS A 176 -6.78 -17.10 -7.50
CA HIS A 176 -5.56 -17.46 -8.23
C HIS A 176 -4.68 -16.28 -8.66
N VAL A 177 -4.82 -15.16 -7.97
CA VAL A 177 -3.95 -14.01 -8.20
C VAL A 177 -2.84 -14.02 -7.14
N LYS A 178 -1.59 -13.95 -7.60
CA LYS A 178 -0.42 -14.10 -6.73
C LYS A 178 -0.31 -13.09 -5.59
N LEU A 179 -0.85 -11.89 -5.80
CA LEU A 179 -0.82 -10.85 -4.76
C LEU A 179 -1.61 -11.28 -3.54
N LEU A 180 -2.58 -12.17 -3.76
CA LEU A 180 -3.51 -12.58 -2.72
C LEU A 180 -3.24 -14.00 -2.21
N GLN A 181 -2.06 -14.53 -2.54
CA GLN A 181 -1.69 -15.89 -2.13
C GLN A 181 -1.63 -15.98 -0.61
N GLY A 182 -2.35 -16.95 -0.07
CA GLY A 182 -2.36 -17.20 1.37
C GLY A 182 -3.34 -16.35 2.15
N PHE A 183 -4.03 -15.43 1.46
CA PHE A 183 -5.07 -14.58 2.06
C PHE A 183 -6.26 -15.41 2.49
N ASP A 184 -6.86 -15.04 3.62
CA ASP A 184 -8.17 -15.55 3.98
C ASP A 184 -9.18 -14.92 3.02
N GLU A 185 -10.33 -15.56 2.84
CA GLU A 185 -11.36 -15.05 1.95
C GLU A 185 -11.95 -13.76 2.49
N LEU A 186 -12.02 -13.68 3.82
CA LEU A 186 -12.41 -12.45 4.52
C LEU A 186 -11.27 -12.06 5.45
N PHE A 187 -10.83 -10.81 5.33
CA PHE A 187 -9.69 -10.30 6.10
C PHE A 187 -9.89 -8.82 6.42
N PHE A 188 -9.16 -8.34 7.42
CA PHE A 188 -9.30 -6.96 7.87
C PHE A 188 -8.15 -6.08 7.41
N ALA A 189 -8.47 -4.79 7.19
CA ALA A 189 -7.48 -3.78 6.84
C ALA A 189 -7.97 -2.42 7.28
N VAL A 190 -7.04 -1.59 7.72
CA VAL A 190 -7.41 -0.25 8.17
C VAL A 190 -7.68 0.65 6.96
N HIS A 191 -8.62 1.60 7.13
CA HIS A 191 -8.77 2.71 6.21
C HIS A 191 -8.74 4.02 7.01
N SER A 192 -8.20 5.06 6.38
CA SER A 192 -8.11 6.36 7.01
C SER A 192 -8.08 7.43 5.91
N ARG A 193 -9.25 8.00 5.61
CA ARG A 193 -9.39 8.91 4.46
C ARG A 193 -10.75 9.64 4.44
N HIS A 194 -10.71 10.90 3.99
CA HIS A 194 -11.92 11.70 3.82
C HIS A 194 -12.40 11.71 2.36
N THR A 195 -11.79 10.88 1.53
CA THR A 195 -12.14 10.76 0.11
C THR A 195 -12.18 9.30 -0.27
N GLU A 196 -12.68 9.01 -1.47
CA GLU A 196 -12.73 7.64 -1.98
C GLU A 196 -12.54 7.59 -3.50
N VAL A 197 -12.19 6.40 -3.99
CA VAL A 197 -12.45 6.05 -5.38
C VAL A 197 -13.63 5.08 -5.34
N ARG A 198 -14.40 5.04 -6.43
CA ARG A 198 -15.59 4.20 -6.47
C ARG A 198 -15.40 2.94 -7.30
N GLU A 199 -15.96 1.83 -6.82
CA GLU A 199 -15.83 0.54 -7.48
C GLU A 199 -16.26 0.57 -8.95
N SER A 200 -17.40 1.22 -9.22
CA SER A 200 -17.91 1.31 -10.59
C SER A 200 -16.88 1.99 -11.52
N ASP A 201 -16.21 3.02 -11.01
CA ASP A 201 -15.15 3.71 -11.75
C ASP A 201 -13.91 2.84 -12.00
N ILE A 202 -13.57 1.98 -11.04
CA ILE A 202 -12.51 0.99 -11.26
C ILE A 202 -12.95 -0.08 -12.29
N ARG A 203 -14.19 -0.54 -12.15
CA ARG A 203 -14.73 -1.64 -12.97
C ARG A 203 -14.70 -1.36 -14.46
N GLU A 204 -14.95 -0.11 -14.85
CA GLU A 204 -15.05 0.25 -16.27
C GLU A 204 -13.70 0.28 -16.99
N VAL A 205 -12.61 0.28 -16.22
CA VAL A 205 -11.25 0.29 -16.80
C VAL A 205 -10.74 -1.13 -17.00
N LYS A 206 -10.50 -1.48 -18.27
CA LYS A 206 -10.06 -2.83 -18.66
C LYS A 206 -8.75 -3.27 -18.00
N GLU A 207 -7.82 -2.33 -17.88
CA GLU A 207 -6.46 -2.63 -17.41
C GLU A 207 -6.36 -2.76 -15.88
N LEU A 208 -7.49 -2.53 -15.20
CA LEU A 208 -7.56 -2.63 -13.74
C LEU A 208 -8.38 -3.84 -13.32
N THR A 209 -7.99 -4.47 -12.21
CA THR A 209 -8.75 -5.58 -11.63
C THR A 209 -8.91 -5.36 -10.15
N LEU A 210 -10.16 -5.37 -9.69
CA LEU A 210 -10.45 -5.24 -8.27
C LEU A 210 -10.14 -6.56 -7.56
N LEU A 211 -9.25 -6.50 -6.56
CA LEU A 211 -8.80 -7.68 -5.85
C LEU A 211 -9.49 -7.87 -4.50
N ALA A 212 -9.80 -6.75 -3.84
CA ALA A 212 -10.39 -6.80 -2.52
C ALA A 212 -11.20 -5.56 -2.24
N ASN A 213 -12.46 -5.75 -1.85
CA ASN A 213 -13.30 -4.64 -1.44
C ASN A 213 -13.93 -4.93 -0.10
N SER A 214 -14.50 -3.89 0.50
CA SER A 214 -15.14 -3.96 1.79
C SER A 214 -16.55 -3.45 1.64
N GLU A 215 -17.51 -4.18 2.20
CA GLU A 215 -18.91 -3.77 2.17
C GLU A 215 -19.06 -2.37 2.76
N GLU A 216 -18.33 -2.09 3.85
CA GLU A 216 -18.41 -0.77 4.49
C GLU A 216 -17.44 0.27 3.91
N ALA A 217 -16.17 -0.10 3.77
CA ALA A 217 -15.14 0.85 3.38
C ALA A 217 -15.00 1.08 1.88
N GLY A 218 -15.47 0.14 1.07
CA GLY A 218 -15.35 0.23 -0.38
C GLY A 218 -14.08 -0.42 -0.93
N VAL A 219 -13.43 0.27 -1.86
CA VAL A 219 -12.28 -0.27 -2.60
C VAL A 219 -11.00 -0.28 -1.76
N HIS A 220 -10.30 -1.42 -1.77
CA HIS A 220 -9.00 -1.52 -1.11
C HIS A 220 -7.88 -1.91 -2.06
N LEU A 221 -7.85 -3.17 -2.50
CA LEU A 221 -6.79 -3.66 -3.38
C LEU A 221 -7.21 -3.70 -4.84
N VAL A 222 -6.37 -3.12 -5.70
CA VAL A 222 -6.58 -3.08 -7.14
C VAL A 222 -5.23 -3.32 -7.82
N ILE A 223 -5.25 -4.08 -8.91
CA ILE A 223 -4.04 -4.32 -9.66
C ILE A 223 -4.17 -3.68 -11.04
N GLY A 224 -3.09 -3.06 -11.50
CA GLY A 224 -3.05 -2.47 -12.84
C GLY A 224 -2.03 -3.13 -13.73
N GLN A 225 -2.43 -3.46 -14.95
CA GLN A 225 -1.52 -4.03 -15.96
C GLN A 225 -0.75 -5.21 -15.41
N GLU A 226 -1.48 -6.22 -14.93
CA GLU A 226 -0.92 -7.48 -14.43
C GLU A 226 0.13 -7.34 -13.32
N GLY A 227 0.10 -6.21 -12.60
CA GLY A 227 1.04 -6.01 -11.50
C GLY A 227 2.04 -4.89 -11.67
N ARG A 228 2.08 -4.30 -12.87
CA ARG A 228 2.89 -3.10 -13.12
C ARG A 228 2.55 -2.00 -12.12
N GLN A 229 1.27 -1.90 -11.76
CA GLN A 229 0.84 -1.08 -10.63
C GLN A 229 0.05 -1.93 -9.64
N VAL A 230 0.33 -1.72 -8.36
CA VAL A 230 -0.51 -2.25 -7.29
C VAL A 230 -1.05 -1.07 -6.47
N PHE A 231 -2.37 -1.04 -6.29
CA PHE A 231 -3.03 0.02 -5.56
C PHE A 231 -3.65 -0.52 -4.29
N ALA A 232 -3.26 0.07 -3.17
CA ALA A 232 -3.85 -0.23 -1.87
C ALA A 232 -4.40 1.05 -1.26
N LEU A 233 -5.71 1.22 -1.31
CA LEU A 233 -6.37 2.45 -0.88
C LEU A 233 -6.51 2.52 0.64
N GLY A 234 -6.50 1.36 1.27
CA GLY A 234 -6.48 1.26 2.72
C GLY A 234 -5.05 1.33 3.21
N HIS A 235 -4.86 1.23 4.52
CA HIS A 235 -3.54 1.41 5.13
C HIS A 235 -3.06 0.15 5.84
N SER A 236 -2.70 -0.85 5.04
CA SER A 236 -2.32 -2.17 5.55
C SER A 236 -1.01 -2.10 6.33
N GLU A 237 -0.23 -1.05 6.06
CA GLU A 237 1.07 -0.84 6.70
C GLU A 237 1.00 -0.18 8.06
N TYR A 238 -0.18 0.28 8.46
CA TYR A 238 -0.37 0.91 9.75
C TYR A 238 0.02 -0.04 10.88
N SER A 239 0.73 0.49 11.87
CA SER A 239 1.05 -0.29 13.05
C SER A 239 -0.03 -0.11 14.10
N CYS A 240 0.12 -0.82 15.21
CA CYS A 240 -0.87 -0.88 16.29
C CYS A 240 -1.58 0.45 16.60
N ASP A 241 -0.80 1.49 16.89
CA ASP A 241 -1.33 2.73 17.46
C ASP A 241 -1.61 3.86 16.46
N THR A 242 -1.41 3.61 15.16
CA THR A 242 -1.54 4.67 14.15
C THR A 242 -2.93 5.34 14.12
N LEU A 243 -3.99 4.54 14.13
CA LEU A 243 -5.34 5.10 14.11
C LEU A 243 -5.63 5.87 15.41
N LYS A 244 -5.15 5.33 16.53
CA LYS A 244 -5.24 6.00 17.83
C LYS A 244 -4.62 7.41 17.79
N GLN A 245 -3.41 7.49 17.25
CA GLN A 245 -2.67 8.75 17.18
C GLN A 245 -3.36 9.75 16.26
N GLU A 246 -3.90 9.25 15.15
CA GLU A 246 -4.68 10.09 14.23
C GLU A 246 -5.94 10.62 14.91
N TYR A 247 -6.62 9.75 15.64
CA TYR A 247 -7.83 10.14 16.36
C TYR A 247 -7.55 11.25 17.37
N GLU A 248 -6.50 11.08 18.16
CA GLU A 248 -6.11 12.06 19.18
C GLU A 248 -5.59 13.36 18.57
N ARG A 249 -4.85 13.24 17.47
CA ARG A 249 -4.33 14.40 16.73
C ARG A 249 -5.47 15.31 16.24
N ASP A 250 -6.46 14.70 15.61
CA ASP A 250 -7.62 15.41 15.08
C ASP A 250 -8.49 15.98 16.20
N ARG A 251 -8.75 15.15 17.22
CA ARG A 251 -9.50 15.56 18.39
C ARG A 251 -8.90 16.82 19.04
N ASP A 252 -7.57 16.83 19.20
CA ASP A 252 -6.86 17.96 19.82
C ASP A 252 -6.90 19.25 19.00
N LYS A 253 -6.96 19.12 17.67
CA LYS A 253 -7.09 20.26 16.75
C LYS A 253 -8.47 20.92 16.82
N GLY A 254 -9.41 20.24 17.47
CA GLY A 254 -10.79 20.73 17.56
C GLY A 254 -11.65 20.20 16.44
N LEU A 255 -11.11 19.28 15.65
CA LEU A 255 -11.87 18.62 14.59
C LEU A 255 -12.92 17.71 15.19
N ASN A 256 -14.00 17.54 14.44
CA ASN A 256 -15.06 16.64 14.82
C ASN A 256 -14.75 15.28 14.20
N ILE A 257 -14.19 14.39 15.00
CA ILE A 257 -13.78 13.07 14.52
C ILE A 257 -14.34 11.98 15.43
N ASP A 258 -15.00 11.00 14.83
CA ASP A 258 -15.51 9.87 15.58
C ASP A 258 -14.39 8.89 15.86
N VAL A 259 -14.57 8.09 16.91
CA VAL A 259 -13.66 6.99 17.23
C VAL A 259 -13.47 6.12 15.98
N PRO A 260 -12.22 5.64 15.73
CA PRO A 260 -12.03 4.70 14.62
C PRO A 260 -12.89 3.45 14.84
N LYS A 261 -13.49 2.94 13.77
CA LYS A 261 -14.42 1.82 13.88
C LYS A 261 -13.69 0.47 14.02
N ASN A 262 -14.26 -0.40 14.84
CA ASN A 262 -13.73 -1.76 15.09
C ASN A 262 -12.27 -1.76 15.50
N TYR A 263 -11.93 -0.91 16.46
CA TYR A 263 -10.53 -0.63 16.78
C TYR A 263 -10.31 -0.58 18.30
N PHE A 264 -11.13 0.20 18.98
CA PHE A 264 -11.15 0.20 20.44
C PHE A 264 -12.27 -0.71 20.95
N LYS A 265 -11.95 -1.55 21.93
CA LYS A 265 -12.99 -2.37 22.59
C LYS A 265 -14.01 -1.45 23.26
N HIS A 266 -15.29 -1.70 22.95
CA HIS A 266 -16.43 -0.88 23.43
C HIS A 266 -16.36 0.58 22.95
N ASP A 267 -15.60 0.81 21.87
CA ASP A 267 -15.31 2.16 21.37
C ASP A 267 -14.71 3.08 22.45
N ASN A 268 -13.88 2.51 23.32
CA ASN A 268 -13.22 3.26 24.39
C ASN A 268 -11.77 3.58 24.02
N PRO A 269 -11.48 4.87 23.74
CA PRO A 269 -10.16 5.30 23.29
C PRO A 269 -9.02 5.10 24.29
N ASN A 270 -9.36 4.70 25.52
CA ASN A 270 -8.36 4.38 26.55
C ASN A 270 -7.89 2.93 26.51
N GLU A 271 -8.67 2.08 25.86
CA GLU A 271 -8.36 0.65 25.76
C GLU A 271 -7.25 0.43 24.72
N LYS A 272 -6.54 -0.67 24.87
CA LYS A 272 -5.55 -1.07 23.86
C LYS A 272 -6.24 -1.34 22.53
N PRO A 273 -5.67 -0.84 21.42
CA PRO A 273 -6.18 -1.15 20.10
C PRO A 273 -6.15 -2.65 19.81
N LEU A 274 -7.22 -3.15 19.20
CA LEU A 274 -7.29 -4.54 18.75
C LEU A 274 -6.69 -4.61 17.34
N VAL A 275 -5.72 -5.50 17.15
CA VAL A 275 -5.02 -5.60 15.86
C VAL A 275 -5.44 -6.83 15.06
N ARG A 276 -6.36 -6.60 14.12
CA ARG A 276 -6.93 -7.66 13.27
C ARG A 276 -6.29 -7.71 11.88
N TRP A 277 -5.41 -6.75 11.58
CA TRP A 277 -4.94 -6.52 10.21
C TRP A 277 -3.47 -6.83 9.90
N ARG A 278 -2.66 -7.15 10.91
CA ARG A 278 -1.22 -7.31 10.69
C ARG A 278 -0.83 -8.48 9.77
N SER A 279 -1.54 -9.59 9.88
CA SER A 279 -1.21 -10.79 9.10
C SER A 279 -1.34 -10.55 7.59
N HIS A 280 -2.35 -9.78 7.20
CA HIS A 280 -2.54 -9.51 5.78
C HIS A 280 -1.76 -8.30 5.29
N GLY A 281 -1.31 -7.47 6.23
CA GLY A 281 -0.31 -6.45 5.94
C GLY A 281 0.97 -7.14 5.48
N ASN A 282 1.39 -8.13 6.27
CA ASN A 282 2.58 -8.94 5.96
C ASN A 282 2.47 -9.70 4.66
N LEU A 283 1.33 -10.39 4.45
CA LEU A 283 1.07 -11.12 3.22
C LEU A 283 1.06 -10.23 1.98
N LEU A 284 0.41 -9.07 2.06
CA LEU A 284 0.39 -8.12 0.94
C LEU A 284 1.82 -7.78 0.49
N PHE A 285 2.62 -7.30 1.43
CA PHE A 285 3.98 -6.86 1.13
C PHE A 285 4.89 -8.03 0.73
N SER A 286 4.72 -9.17 1.39
CA SER A 286 5.51 -10.37 1.06
C SER A 286 5.21 -10.88 -0.35
N ASN A 287 3.93 -10.98 -0.72
CA ASN A 287 3.53 -11.43 -2.05
C ASN A 287 3.95 -10.44 -3.14
N TRP A 288 3.78 -9.14 -2.87
CA TRP A 288 4.25 -8.09 -3.76
C TRP A 288 5.74 -8.22 -4.08
N LEU A 289 6.56 -8.35 -3.05
CA LEU A 289 8.01 -8.48 -3.23
C LEU A 289 8.38 -9.77 -3.95
N ASN A 290 7.78 -10.88 -3.51
CA ASN A 290 8.15 -12.20 -4.00
C ASN A 290 7.62 -12.55 -5.39
N TYR A 291 6.45 -12.01 -5.75
CA TYR A 291 5.80 -12.40 -6.99
C TYR A 291 5.69 -11.31 -8.05
N TYR A 292 5.96 -10.06 -7.66
CA TYR A 292 5.81 -8.93 -8.61
C TYR A 292 7.09 -8.11 -8.76
N VAL A 293 7.69 -7.72 -7.64
CA VAL A 293 8.99 -7.06 -7.68
C VAL A 293 10.04 -8.00 -8.28
N TYR A 294 10.12 -9.23 -7.74
CA TYR A 294 10.99 -10.26 -8.29
C TYR A 294 10.38 -10.93 -9.53
N GLN A 295 11.19 -11.06 -10.58
CA GLN A 295 10.81 -11.75 -11.81
C GLN A 295 11.96 -12.66 -12.24
N GLU A 296 11.66 -13.93 -12.49
CA GLU A 296 12.69 -14.94 -12.78
C GLU A 296 13.31 -14.79 -14.18
#